data_3TAK
#
_entry.id   3TAK
#
_cell.length_a   51.250
_cell.length_b   122.420
_cell.length_c   52.310
_cell.angle_alpha   90.00
_cell.angle_beta   116.01
_cell.angle_gamma   90.00
#
_symmetry.space_group_name_H-M   'P 1 21 1'
#
loop_
_entity.id
_entity.type
_entity.pdbx_description
1 polymer 'Dihydrodipicolinate synthase'
2 non-polymer GLYCEROL
3 non-polymer 'PYRUVIC ACID'
4 non-polymer DI(HYDROXYETHYL)ETHER
5 water water
#
_entity_poly.entity_id   1
_entity_poly.type   'polypeptide(L)'
_entity_poly.pdbx_seq_one_letter_code
;TIQGSIVAIVTPMLKDGGVDWKSLEKLVEWHIEQGTNSIVAVGTTGEASTLSMEEHTQVIKEIIRVANKRIPIIAGTGAN
STREAIELTKAAKDLGADAALLVTPYYNKPTQEGLYQHYKAIAEAVELPLILYNVPGRTGVDLSNDTAVRLAEIPNIVGI
KDATGDVPRGKALIDALNGKMAVYSGDDETAWELMLLGADGNISVTANIAPKAMSEVCAVAIAKDEQQAKTLNNKIANLH
NILFCESNPIPVKWALHEMGLIDTGIRLPLTPLAEQYREPLRNALKDAGII
;
_entity_poly.pdbx_strand_id   A,B
#
loop_
_chem_comp.id
_chem_comp.type
_chem_comp.name
_chem_comp.formula
GOL non-polymer GLYCEROL 'C3 H8 O3'
PEG non-polymer DI(HYDROXYETHYL)ETHER 'C4 H10 O3'
PYR non-polymer 'PYRUVIC ACID' 'C3 H4 O3'
#
# COMPACT_ATOMS: atom_id res chain seq x y z
N THR A 1 7.43 -15.81 -22.12
CA THR A 1 8.54 -16.29 -22.91
C THR A 1 9.88 -15.81 -22.26
N ILE A 2 9.82 -14.72 -21.45
CA ILE A 2 11.05 -14.20 -20.84
C ILE A 2 11.45 -15.19 -19.75
N GLN A 3 12.69 -15.67 -19.80
CA GLN A 3 13.21 -16.63 -18.85
C GLN A 3 14.54 -16.20 -18.23
N GLY A 4 14.85 -16.71 -17.09
CA GLY A 4 16.16 -16.58 -16.48
C GLY A 4 16.20 -15.58 -15.30
N SER A 5 17.37 -14.91 -15.20
CA SER A 5 17.56 -13.93 -14.10
C SER A 5 17.09 -12.58 -14.59
N ILE A 6 16.02 -12.11 -13.93
CA ILE A 6 15.38 -10.84 -14.34
C ILE A 6 15.63 -9.91 -13.14
N VAL A 7 16.56 -9.00 -13.30
CA VAL A 7 16.86 -8.12 -12.15
C VAL A 7 15.80 -7.02 -11.98
N ALA A 8 15.38 -6.91 -10.69
CA ALA A 8 14.48 -5.84 -10.29
C ALA A 8 15.46 -4.75 -9.91
N ILE A 9 15.82 -3.98 -10.95
CA ILE A 9 16.94 -3.02 -10.79
C ILE A 9 16.55 -1.82 -9.90
N VAL A 10 17.54 -1.42 -9.11
CA VAL A 10 17.37 -0.22 -8.27
C VAL A 10 17.37 0.99 -9.17
N THR A 11 16.88 2.10 -8.64
CA THR A 11 16.98 3.38 -9.36
C THR A 11 18.07 4.15 -8.64
N PRO A 12 19.27 4.23 -9.18
CA PRO A 12 20.38 4.92 -8.48
C PRO A 12 20.00 6.40 -8.33
N MET A 13 20.38 6.95 -7.15
CA MET A 13 20.09 8.33 -6.86
C MET A 13 21.27 9.07 -6.30
N LEU A 14 21.26 10.37 -6.57
CA LEU A 14 22.28 11.27 -5.99
C LEU A 14 21.93 11.46 -4.54
N LYS A 15 22.87 12.02 -3.78
CA LYS A 15 22.58 12.24 -2.34
C LYS A 15 21.34 13.01 -2.08
N ASP A 16 20.99 13.93 -2.91
CA ASP A 16 19.75 14.76 -2.74
C ASP A 16 18.53 14.08 -3.22
N GLY A 17 18.64 12.79 -3.64
CA GLY A 17 17.47 12.03 -4.08
C GLY A 17 17.20 12.08 -5.59
N GLY A 18 17.89 13.00 -6.29
CA GLY A 18 17.68 13.05 -7.75
C GLY A 18 18.15 11.76 -8.41
N VAL A 19 17.49 11.40 -9.52
CA VAL A 19 17.92 10.18 -10.19
C VAL A 19 19.34 10.35 -10.75
N ASP A 20 20.15 9.33 -10.55
CA ASP A 20 21.57 9.33 -11.03
C ASP A 20 21.55 8.64 -12.40
N TRP A 21 21.36 9.43 -13.43
CA TRP A 21 21.24 8.90 -14.82
C TRP A 21 22.50 8.14 -15.25
N LYS A 22 23.67 8.71 -15.00
CA LYS A 22 24.90 8.06 -15.46
C LYS A 22 25.11 6.70 -14.75
N SER A 23 24.85 6.64 -13.46
CA SER A 23 25.05 5.37 -12.75
C SER A 23 24.01 4.34 -13.22
N LEU A 24 22.79 4.79 -13.52
CA LEU A 24 21.79 3.85 -14.04
C LEU A 24 22.25 3.23 -15.36
N GLU A 25 22.71 4.08 -16.26
CA GLU A 25 23.29 3.57 -17.52
C GLU A 25 24.38 2.54 -17.33
N LYS A 26 25.32 2.87 -16.46
CA LYS A 26 26.38 1.91 -16.22
C LYS A 26 25.90 0.59 -15.68
N LEU A 27 24.89 0.63 -14.80
CA LEU A 27 24.32 -0.61 -14.26
C LEU A 27 23.65 -1.43 -15.34
N VAL A 28 22.91 -0.80 -16.21
CA VAL A 28 22.19 -1.51 -17.29
C VAL A 28 23.22 -2.21 -18.17
N GLU A 29 24.29 -1.51 -18.52
CA GLU A 29 25.35 -2.12 -19.34
C GLU A 29 26.00 -3.31 -18.64
N TRP A 30 26.34 -3.12 -17.37
CA TRP A 30 26.97 -4.11 -16.57
C TRP A 30 26.09 -5.36 -16.53
N HIS A 31 24.78 -5.14 -16.34
CA HIS A 31 23.90 -6.33 -16.29
C HIS A 31 23.94 -7.10 -17.61
N ILE A 32 23.87 -6.37 -18.70
CA ILE A 32 23.90 -7.07 -20.04
C ILE A 32 25.17 -7.82 -20.16
N GLU A 33 26.28 -7.16 -19.80
CA GLU A 33 27.62 -7.81 -19.94
C GLU A 33 27.76 -9.00 -19.04
N GLN A 34 27.19 -9.00 -17.83
CA GLN A 34 27.33 -10.02 -16.85
C GLN A 34 26.36 -11.22 -17.01
N GLY A 35 25.44 -11.12 -17.96
CA GLY A 35 24.52 -12.24 -18.21
C GLY A 35 23.12 -12.15 -17.71
N THR A 36 22.76 -10.98 -17.12
CA THR A 36 21.35 -10.78 -16.72
C THR A 36 20.46 -10.91 -17.96
N ASN A 37 19.33 -11.64 -17.79
CA ASN A 37 18.46 -11.91 -18.95
C ASN A 37 17.40 -10.91 -19.26
N SER A 38 16.97 -10.11 -18.25
CA SER A 38 15.97 -9.10 -18.47
C SER A 38 16.05 -8.14 -17.26
N ILE A 39 15.50 -6.93 -17.47
CA ILE A 39 15.47 -5.96 -16.39
C ILE A 39 14.04 -5.53 -16.16
N VAL A 40 13.65 -5.46 -14.85
CA VAL A 40 12.38 -4.82 -14.48
C VAL A 40 12.74 -3.40 -14.09
N ALA A 41 12.19 -2.45 -14.83
CA ALA A 41 12.42 -1.03 -14.53
C ALA A 41 11.32 -0.54 -13.63
N VAL A 42 11.71 0.22 -12.61
CA VAL A 42 10.73 0.87 -11.71
C VAL A 42 9.84 -0.13 -11.04
N GLY A 43 10.36 -1.22 -10.55
CA GLY A 43 9.54 -2.14 -9.72
C GLY A 43 9.69 -1.64 -8.26
N THR A 44 9.35 -2.51 -7.33
CA THR A 44 9.45 -2.19 -5.88
C THR A 44 10.88 -1.82 -5.56
N THR A 45 11.78 -2.63 -6.09
CA THR A 45 13.24 -2.45 -5.77
C THR A 45 13.72 -1.14 -6.41
N GLY A 46 13.04 -0.65 -7.43
CA GLY A 46 13.39 0.59 -8.07
C GLY A 46 12.71 1.81 -7.51
N GLU A 47 12.08 1.66 -6.32
CA GLU A 47 11.40 2.76 -5.64
C GLU A 47 10.30 3.43 -6.48
N ALA A 48 9.47 2.56 -7.16
CA ALA A 48 8.37 3.09 -7.91
C ALA A 48 7.53 4.04 -7.09
N SER A 49 7.32 3.73 -5.82
CA SER A 49 6.49 4.53 -4.98
C SER A 49 6.88 5.98 -4.82
N THR A 50 8.18 6.26 -4.87
CA THR A 50 8.61 7.64 -4.62
C THR A 50 9.10 8.37 -5.89
N LEU A 51 8.91 7.73 -7.02
CA LEU A 51 9.29 8.43 -8.32
C LEU A 51 8.02 9.08 -8.82
N SER A 52 8.21 10.25 -9.45
CA SER A 52 7.07 10.94 -10.05
C SER A 52 6.71 10.25 -11.35
N MET A 53 5.56 10.59 -11.89
CA MET A 53 5.17 9.99 -13.17
C MET A 53 6.17 10.30 -14.26
N GLU A 54 6.68 11.49 -14.32
CA GLU A 54 7.71 11.84 -15.29
C GLU A 54 8.92 11.01 -15.10
N GLU A 55 9.35 10.84 -13.82
CA GLU A 55 10.57 10.04 -13.57
C GLU A 55 10.39 8.56 -13.89
N HIS A 56 9.14 8.08 -13.67
CA HIS A 56 8.80 6.70 -13.96
C HIS A 56 9.02 6.51 -15.48
N THR A 57 8.53 7.42 -16.27
CA THR A 57 8.67 7.39 -17.76
C THR A 57 10.13 7.56 -18.13
N GLN A 58 10.86 8.51 -17.54
CA GLN A 58 12.25 8.73 -17.89
C GLN A 58 13.10 7.50 -17.62
N VAL A 59 12.90 6.85 -16.42
CA VAL A 59 13.69 5.69 -16.08
C VAL A 59 13.44 4.54 -17.08
N ILE A 60 12.17 4.32 -17.43
CA ILE A 60 11.84 3.22 -18.38
C ILE A 60 12.52 3.57 -19.69
N LYS A 61 12.35 4.83 -20.14
CA LYS A 61 12.89 5.26 -21.44
C LYS A 61 14.39 5.07 -21.47
N GLU A 62 15.04 5.48 -20.38
CA GLU A 62 16.53 5.37 -20.31
C GLU A 62 17.05 3.94 -20.30
N ILE A 63 16.37 3.05 -19.54
CA ILE A 63 16.82 1.65 -19.50
C ILE A 63 16.61 1.03 -20.90
N ILE A 64 15.48 1.36 -21.53
CA ILE A 64 15.22 0.83 -22.90
C ILE A 64 16.30 1.37 -23.86
N ARG A 65 16.62 2.67 -23.74
CA ARG A 65 17.62 3.27 -24.64
C ARG A 65 18.95 2.58 -24.50
N VAL A 66 19.44 2.44 -23.30
CA VAL A 66 20.76 1.82 -23.05
C VAL A 66 20.76 0.34 -23.41
N ALA A 67 19.67 -0.39 -23.11
CA ALA A 67 19.69 -1.81 -23.41
C ALA A 67 19.71 -2.09 -24.91
N ASN A 68 19.20 -1.15 -25.67
CA ASN A 68 19.18 -1.21 -27.16
C ASN A 68 18.72 -2.58 -27.70
N LYS A 69 17.65 -3.08 -27.14
CA LYS A 69 17.06 -4.39 -27.58
C LYS A 69 17.86 -5.63 -27.34
N ARG A 70 18.95 -5.57 -26.58
CA ARG A 70 19.75 -6.68 -26.31
C ARG A 70 19.08 -7.71 -25.38
N ILE A 71 18.25 -7.19 -24.44
CA ILE A 71 17.48 -8.05 -23.50
C ILE A 71 16.12 -7.38 -23.35
N PRO A 72 15.09 -8.17 -23.02
CA PRO A 72 13.78 -7.54 -22.89
C PRO A 72 13.69 -6.70 -21.60
N ILE A 73 12.94 -5.62 -21.70
CA ILE A 73 12.74 -4.71 -20.56
C ILE A 73 11.29 -4.80 -20.14
N ILE A 74 11.10 -5.08 -18.84
CA ILE A 74 9.77 -5.16 -18.24
C ILE A 74 9.56 -3.91 -17.41
N ALA A 75 8.48 -3.19 -17.66
CA ALA A 75 8.22 -1.98 -16.89
C ALA A 75 7.26 -2.23 -15.73
N GLY A 76 7.66 -1.77 -14.54
CA GLY A 76 6.75 -1.82 -13.40
C GLY A 76 5.68 -0.77 -13.63
N THR A 77 4.42 -1.16 -13.64
CA THR A 77 3.32 -0.23 -13.88
C THR A 77 2.15 -0.41 -12.93
N GLY A 78 2.39 -1.10 -11.84
CA GLY A 78 1.34 -1.33 -10.86
C GLY A 78 0.87 -0.07 -10.14
N ALA A 79 -0.39 -0.12 -9.76
CA ALA A 79 -1.01 1.02 -9.04
C ALA A 79 -2.17 0.42 -8.24
N ASN A 80 -2.65 1.12 -7.22
CA ASN A 80 -3.81 0.60 -6.48
C ASN A 80 -5.12 1.18 -6.97
N SER A 81 -5.03 1.92 -8.06
CA SER A 81 -6.18 2.44 -8.77
C SER A 81 -6.13 1.78 -10.15
N THR A 82 -7.26 1.21 -10.61
CA THR A 82 -7.26 0.56 -11.91
C THR A 82 -7.05 1.58 -12.98
N ARG A 83 -7.61 2.76 -12.84
CA ARG A 83 -7.45 3.80 -13.87
C ARG A 83 -6.01 4.15 -13.95
N GLU A 84 -5.33 4.33 -12.83
CA GLU A 84 -3.89 4.74 -12.90
C GLU A 84 -3.03 3.58 -13.45
N ALA A 85 -3.37 2.37 -13.13
CA ALA A 85 -2.58 1.21 -13.65
C ALA A 85 -2.70 1.20 -15.17
N ILE A 86 -3.88 1.49 -15.67
CA ILE A 86 -4.09 1.50 -17.15
C ILE A 86 -3.19 2.55 -17.78
N GLU A 87 -3.16 3.74 -17.19
CA GLU A 87 -2.37 4.82 -17.72
C GLU A 87 -0.91 4.49 -17.68
N LEU A 88 -0.44 3.97 -16.57
CA LEU A 88 0.98 3.67 -16.48
C LEU A 88 1.38 2.55 -17.48
N THR A 89 0.47 1.59 -17.63
CA THR A 89 0.76 0.48 -18.55
C THR A 89 0.72 0.92 -20.01
N LYS A 90 -0.22 1.81 -20.33
CA LYS A 90 -0.21 2.38 -21.71
C LYS A 90 1.08 3.12 -21.95
N ALA A 91 1.52 3.93 -21.00
CA ALA A 91 2.75 4.64 -21.18
C ALA A 91 3.90 3.70 -21.41
N ALA A 92 3.97 2.60 -20.66
CA ALA A 92 5.05 1.66 -20.87
C ALA A 92 5.00 1.04 -22.24
N LYS A 93 3.79 0.72 -22.70
CA LYS A 93 3.67 0.13 -24.07
C LYS A 93 4.18 1.14 -25.07
N ASP A 94 3.78 2.41 -24.90
CA ASP A 94 4.22 3.47 -25.85
C ASP A 94 5.69 3.68 -25.84
N LEU A 95 6.34 3.49 -24.72
CA LEU A 95 7.78 3.63 -24.64
C LEU A 95 8.56 2.46 -25.19
N GLY A 96 7.83 1.41 -25.53
CA GLY A 96 8.44 0.24 -26.13
C GLY A 96 8.88 -0.85 -25.17
N ALA A 97 8.33 -0.88 -23.94
CA ALA A 97 8.63 -1.93 -23.04
C ALA A 97 8.16 -3.28 -23.58
N ASP A 98 8.82 -4.36 -23.24
CA ASP A 98 8.42 -5.67 -23.75
C ASP A 98 7.28 -6.25 -22.98
N ALA A 99 7.12 -5.85 -21.72
CA ALA A 99 6.03 -6.36 -20.88
C ALA A 99 5.91 -5.40 -19.72
N ALA A 100 4.87 -5.59 -18.91
CA ALA A 100 4.66 -4.76 -17.72
C ALA A 100 4.48 -5.67 -16.56
N LEU A 101 4.95 -5.23 -15.39
CA LEU A 101 4.83 -6.01 -14.14
C LEU A 101 3.92 -5.19 -13.26
N LEU A 102 2.80 -5.80 -12.83
CA LEU A 102 1.80 -5.08 -12.04
C LEU A 102 1.51 -5.76 -10.70
N VAL A 103 2.02 -5.14 -9.67
CA VAL A 103 1.75 -5.62 -8.31
C VAL A 103 0.25 -5.46 -8.03
N THR A 104 -0.28 -6.37 -7.23
CA THR A 104 -1.70 -6.28 -6.85
C THR A 104 -1.92 -4.92 -6.17
N PRO A 105 -3.09 -4.33 -6.35
CA PRO A 105 -3.39 -3.10 -5.62
C PRO A 105 -3.09 -3.30 -4.14
N TYR A 106 -2.39 -2.34 -3.55
CA TYR A 106 -1.99 -2.38 -2.14
C TYR A 106 -2.84 -1.41 -1.37
N TYR A 107 -2.87 -1.69 -0.07
CA TYR A 107 -3.55 -0.80 0.89
C TYR A 107 -5.07 -0.82 0.83
N ASN A 108 -5.70 -0.75 -0.33
CA ASN A 108 -7.17 -0.72 -0.37
C ASN A 108 -7.86 -2.10 -0.33
N LYS A 109 -7.07 -3.16 -0.35
CA LYS A 109 -7.56 -4.54 -0.13
C LYS A 109 -8.77 -4.94 -0.97
N PRO A 110 -8.65 -4.94 -2.29
CA PRO A 110 -9.81 -5.40 -3.15
C PRO A 110 -10.11 -6.86 -2.85
N THR A 111 -11.33 -7.27 -3.21
CA THR A 111 -11.73 -8.67 -3.11
C THR A 111 -11.04 -9.48 -4.23
N GLN A 112 -11.16 -10.78 -4.16
CA GLN A 112 -10.54 -11.61 -5.26
C GLN A 112 -11.19 -11.23 -6.61
N GLU A 113 -12.53 -11.02 -6.64
CA GLU A 113 -13.16 -10.60 -7.83
C GLU A 113 -12.73 -9.24 -8.31
N GLY A 114 -12.45 -8.35 -7.30
CA GLY A 114 -11.94 -7.04 -7.64
C GLY A 114 -10.55 -7.13 -8.30
N LEU A 115 -9.71 -8.02 -7.75
CA LEU A 115 -8.38 -8.24 -8.36
C LEU A 115 -8.56 -8.77 -9.78
N TYR A 116 -9.52 -9.69 -9.93
CA TYR A 116 -9.81 -10.22 -11.27
C TYR A 116 -10.21 -9.16 -12.23
N GLN A 117 -11.18 -8.32 -11.82
CA GLN A 117 -11.65 -7.25 -12.67
C GLN A 117 -10.62 -6.20 -12.95
N HIS A 118 -9.79 -5.92 -11.95
CA HIS A 118 -8.70 -4.97 -12.07
C HIS A 118 -7.77 -5.37 -13.25
N TYR A 119 -7.24 -6.57 -13.15
CA TYR A 119 -6.28 -7.05 -14.18
C TYR A 119 -6.98 -7.29 -15.54
N LYS A 120 -8.24 -7.73 -15.49
CA LYS A 120 -8.98 -7.93 -16.77
C LYS A 120 -9.13 -6.58 -17.46
N ALA A 121 -9.46 -5.51 -16.69
CA ALA A 121 -9.65 -4.22 -17.27
C ALA A 121 -8.37 -3.68 -17.90
N ILE A 122 -7.22 -3.92 -17.22
CA ILE A 122 -5.96 -3.47 -17.77
C ILE A 122 -5.59 -4.24 -19.04
N ALA A 123 -5.79 -5.55 -18.99
CA ALA A 123 -5.43 -6.40 -20.16
C ALA A 123 -6.29 -6.03 -21.35
N GLU A 124 -7.53 -5.63 -21.11
CA GLU A 124 -8.39 -5.27 -22.23
C GLU A 124 -8.09 -3.87 -22.73
N ALA A 125 -7.48 -3.00 -21.91
CA ALA A 125 -7.25 -1.63 -22.31
C ALA A 125 -5.92 -1.45 -23.02
N VAL A 126 -4.96 -2.34 -22.73
CA VAL A 126 -3.60 -2.20 -23.27
C VAL A 126 -3.12 -3.46 -23.90
N GLU A 127 -2.73 -3.44 -25.18
CA GLU A 127 -2.32 -4.73 -25.78
C GLU A 127 -0.79 -4.78 -25.50
N LEU A 128 -0.45 -5.32 -24.35
CA LEU A 128 0.93 -5.52 -23.93
C LEU A 128 0.98 -6.70 -22.98
N PRO A 129 2.02 -7.52 -23.01
CA PRO A 129 2.13 -8.67 -22.11
C PRO A 129 2.18 -8.21 -20.64
N LEU A 130 1.33 -8.75 -19.81
CA LEU A 130 1.23 -8.34 -18.40
C LEU A 130 1.65 -9.46 -17.50
N ILE A 131 2.44 -9.11 -16.47
CA ILE A 131 2.87 -10.07 -15.46
C ILE A 131 2.32 -9.63 -14.10
N LEU A 132 1.49 -10.49 -13.53
CA LEU A 132 0.87 -10.19 -12.19
C LEU A 132 2.02 -10.26 -11.19
N TYR A 133 1.75 -9.70 -9.99
CA TYR A 133 2.78 -9.75 -8.95
C TYR A 133 2.11 -9.73 -7.58
N ASN A 134 2.30 -10.83 -6.87
CA ASN A 134 1.69 -11.03 -5.55
C ASN A 134 2.76 -11.03 -4.47
N VAL A 135 2.61 -10.10 -3.51
CA VAL A 135 3.57 -9.99 -2.37
C VAL A 135 2.68 -9.50 -1.21
N PRO A 136 1.87 -10.42 -0.65
CA PRO A 136 0.89 -10.06 0.40
C PRO A 136 1.45 -9.36 1.62
N GLY A 137 2.68 -9.63 1.99
CA GLY A 137 3.25 -8.96 3.17
C GLY A 137 3.35 -7.45 2.97
N ARG A 138 3.46 -7.00 1.77
CA ARG A 138 3.51 -5.55 1.47
C ARG A 138 2.18 -4.91 1.15
N THR A 139 1.26 -5.69 0.50
CA THR A 139 0.06 -5.10 -0.06
C THR A 139 -1.19 -5.24 0.79
N GLY A 140 -1.21 -6.18 1.70
CA GLY A 140 -2.42 -6.39 2.53
C GLY A 140 -3.47 -7.23 1.81
N VAL A 141 -3.13 -7.79 0.64
CA VAL A 141 -4.02 -8.68 -0.06
C VAL A 141 -3.22 -9.84 -0.66
N ASP A 142 -3.89 -10.98 -0.77
CA ASP A 142 -3.20 -12.17 -1.33
C ASP A 142 -4.00 -12.63 -2.55
N LEU A 143 -3.42 -12.45 -3.73
CA LEU A 143 -4.03 -12.96 -4.96
C LEU A 143 -3.89 -14.46 -4.91
N SER A 144 -5.01 -15.16 -4.75
CA SER A 144 -4.95 -16.63 -4.58
C SER A 144 -4.54 -17.32 -5.90
N ASN A 145 -4.10 -18.55 -5.69
CA ASN A 145 -3.72 -19.39 -6.87
C ASN A 145 -4.94 -19.52 -7.76
N ASP A 146 -6.13 -19.69 -7.12
CA ASP A 146 -7.35 -19.81 -7.93
C ASP A 146 -7.60 -18.60 -8.84
N THR A 147 -7.40 -17.36 -8.25
CA THR A 147 -7.60 -16.17 -9.02
C THR A 147 -6.52 -16.06 -10.12
N ALA A 148 -5.30 -16.44 -9.76
CA ALA A 148 -4.20 -16.40 -10.76
C ALA A 148 -4.53 -17.33 -11.94
N VAL A 149 -5.06 -18.51 -11.61
CA VAL A 149 -5.40 -19.45 -12.69
C VAL A 149 -6.52 -18.92 -13.54
N ARG A 150 -7.50 -18.22 -12.96
CA ARG A 150 -8.53 -17.55 -13.76
C ARG A 150 -7.96 -16.52 -14.67
N LEU A 151 -7.02 -15.69 -14.14
CA LEU A 151 -6.46 -14.63 -14.92
C LEU A 151 -5.55 -15.10 -16.05
N ALA A 152 -4.98 -16.28 -15.89
CA ALA A 152 -4.12 -16.87 -16.96
C ALA A 152 -4.95 -17.10 -18.24
N GLU A 153 -6.25 -17.16 -18.09
CA GLU A 153 -7.11 -17.33 -19.28
C GLU A 153 -7.25 -16.09 -20.11
N ILE A 154 -6.94 -14.92 -19.51
CA ILE A 154 -7.14 -13.64 -20.15
C ILE A 154 -6.06 -13.36 -21.13
N PRO A 155 -6.41 -13.00 -22.36
CA PRO A 155 -5.35 -12.69 -23.32
C PRO A 155 -4.54 -11.49 -22.76
N ASN A 156 -3.26 -11.59 -22.95
CA ASN A 156 -2.26 -10.55 -22.54
C ASN A 156 -1.73 -10.80 -21.11
N ILE A 157 -2.36 -11.68 -20.34
CA ILE A 157 -1.79 -12.02 -19.00
C ILE A 157 -0.91 -13.18 -19.19
N VAL A 158 0.40 -12.94 -19.16
CA VAL A 158 1.38 -13.97 -19.50
C VAL A 158 2.24 -14.53 -18.40
N GLY A 159 2.02 -14.02 -17.14
CA GLY A 159 2.75 -14.62 -16.07
C GLY A 159 2.44 -14.00 -14.72
N ILE A 160 3.07 -14.54 -13.70
CA ILE A 160 2.89 -14.05 -12.34
C ILE A 160 4.18 -14.12 -11.57
N LYS A 161 4.52 -13.05 -10.86
CA LYS A 161 5.69 -13.01 -9.97
C LYS A 161 5.15 -13.41 -8.60
N ASP A 162 5.51 -14.58 -8.14
CA ASP A 162 5.05 -15.13 -6.87
C ASP A 162 6.12 -14.86 -5.85
N ALA A 163 5.89 -13.79 -5.04
CA ALA A 163 6.88 -13.45 -3.98
C ALA A 163 6.52 -13.99 -2.61
N THR A 164 5.64 -14.98 -2.54
CA THR A 164 5.29 -15.57 -1.25
C THR A 164 6.45 -16.25 -0.56
N GLY A 165 7.36 -16.89 -1.32
CA GLY A 165 8.42 -17.69 -0.74
C GLY A 165 7.87 -19.00 -0.20
N ASP A 166 6.62 -19.32 -0.58
CA ASP A 166 5.94 -20.55 -0.12
C ASP A 166 6.06 -21.51 -1.30
N VAL A 167 7.09 -22.39 -1.22
CA VAL A 167 7.40 -23.29 -2.34
C VAL A 167 6.28 -24.31 -2.68
N PRO A 168 5.70 -24.96 -1.61
CA PRO A 168 4.59 -25.85 -1.96
C PRO A 168 3.48 -25.19 -2.69
N ARG A 169 3.12 -23.96 -2.26
CA ARG A 169 2.09 -23.22 -2.90
C ARG A 169 2.45 -22.77 -4.31
N GLY A 170 3.73 -22.43 -4.51
CA GLY A 170 4.24 -22.07 -5.81
C GLY A 170 4.19 -23.24 -6.82
N LYS A 171 4.55 -24.40 -6.31
CA LYS A 171 4.49 -25.63 -7.13
C LYS A 171 3.06 -25.94 -7.50
N ALA A 172 2.15 -25.77 -6.51
CA ALA A 172 0.73 -26.01 -6.81
C ALA A 172 0.21 -25.10 -7.89
N LEU A 173 0.71 -23.81 -7.88
CA LEU A 173 0.27 -22.89 -8.91
C LEU A 173 0.82 -23.31 -10.27
N ILE A 174 2.10 -23.67 -10.30
CA ILE A 174 2.72 -24.13 -11.55
C ILE A 174 1.94 -25.35 -12.09
N ASP A 175 1.66 -26.30 -11.18
CA ASP A 175 0.96 -27.53 -11.67
C ASP A 175 -0.46 -27.21 -12.15
N ALA A 176 -1.20 -26.33 -11.45
CA ALA A 176 -2.50 -25.98 -11.88
C ALA A 176 -2.56 -25.25 -13.20
N LEU A 177 -1.56 -24.38 -13.44
CA LEU A 177 -1.52 -23.65 -14.69
C LEU A 177 -1.23 -24.53 -15.90
N ASN A 178 -0.39 -25.57 -15.68
CA ASN A 178 0.00 -26.48 -16.77
C ASN A 178 0.40 -25.72 -18.00
N GLY A 179 1.30 -24.71 -17.82
CA GLY A 179 1.79 -23.95 -18.95
C GLY A 179 1.02 -22.79 -19.47
N LYS A 180 -0.18 -22.53 -18.93
CA LYS A 180 -1.03 -21.49 -19.45
C LYS A 180 -0.40 -20.10 -19.32
N MET A 181 0.38 -19.92 -18.26
CA MET A 181 1.17 -18.66 -18.14
C MET A 181 2.38 -18.99 -17.30
N ALA A 182 3.39 -18.10 -17.35
CA ALA A 182 4.63 -18.31 -16.65
C ALA A 182 4.54 -17.98 -15.14
N VAL A 183 5.39 -18.61 -14.37
CA VAL A 183 5.53 -18.34 -12.96
C VAL A 183 6.94 -17.92 -12.75
N TYR A 184 7.14 -16.78 -12.10
CA TYR A 184 8.44 -16.29 -11.71
C TYR A 184 8.55 -16.24 -10.23
N SER A 185 9.73 -16.60 -9.72
CA SER A 185 9.93 -16.41 -8.27
C SER A 185 10.12 -14.94 -7.99
N GLY A 186 9.61 -14.52 -6.84
CA GLY A 186 9.85 -13.14 -6.36
C GLY A 186 10.51 -13.24 -5.01
N ASP A 187 11.10 -14.40 -4.70
CA ASP A 187 11.78 -14.64 -3.41
C ASP A 187 13.15 -15.28 -3.69
N ASP A 188 14.20 -14.46 -3.65
CA ASP A 188 15.56 -14.98 -3.90
C ASP A 188 15.90 -16.21 -3.10
N GLU A 189 15.54 -16.25 -1.81
CA GLU A 189 15.93 -17.39 -0.94
C GLU A 189 15.47 -18.70 -1.53
N THR A 190 14.28 -18.74 -2.09
CA THR A 190 13.70 -20.01 -2.62
C THR A 190 13.61 -20.10 -4.11
N ALA A 191 14.05 -19.06 -4.84
CA ALA A 191 13.92 -19.04 -6.30
C ALA A 191 14.53 -20.26 -6.99
N TRP A 192 15.70 -20.67 -6.54
CA TRP A 192 16.36 -21.84 -7.19
C TRP A 192 15.43 -23.05 -7.12
N GLU A 193 14.74 -23.21 -5.99
CA GLU A 193 13.83 -24.40 -5.81
C GLU A 193 12.64 -24.25 -6.69
N LEU A 194 12.04 -23.01 -6.74
CA LEU A 194 10.86 -22.86 -7.59
C LEU A 194 11.18 -23.06 -9.08
N MET A 195 12.38 -22.62 -9.51
CA MET A 195 12.74 -22.82 -10.90
C MET A 195 12.93 -24.32 -11.22
N LEU A 196 13.51 -25.03 -10.27
CA LEU A 196 13.66 -26.53 -10.46
C LEU A 196 12.31 -27.14 -10.57
N LEU A 197 11.30 -26.52 -9.95
CA LEU A 197 9.93 -27.04 -10.01
C LEU A 197 9.09 -26.50 -11.14
N GLY A 198 9.70 -25.74 -12.06
CA GLY A 198 8.97 -25.27 -13.20
C GLY A 198 8.82 -23.76 -13.42
N ALA A 199 9.34 -22.95 -12.49
CA ALA A 199 9.24 -21.49 -12.71
C ALA A 199 10.16 -21.10 -13.85
N ASP A 200 9.76 -20.08 -14.60
CA ASP A 200 10.52 -19.62 -15.74
C ASP A 200 11.64 -18.68 -15.42
N GLY A 201 11.74 -18.25 -14.19
CA GLY A 201 12.85 -17.34 -13.84
C GLY A 201 12.66 -16.77 -12.46
N ASN A 202 13.54 -15.79 -12.15
CA ASN A 202 13.56 -15.17 -10.85
C ASN A 202 13.64 -13.67 -11.04
N ILE A 203 12.62 -12.94 -10.57
CA ILE A 203 12.65 -11.48 -10.68
C ILE A 203 13.30 -11.12 -9.33
N SER A 204 14.59 -10.92 -9.42
CA SER A 204 15.54 -10.93 -8.37
C SER A 204 16.10 -9.63 -7.82
N VAL A 205 16.24 -9.61 -6.49
CA VAL A 205 16.95 -8.49 -5.84
C VAL A 205 18.43 -8.79 -5.82
N THR A 206 18.77 -10.02 -5.41
CA THR A 206 20.20 -10.41 -5.34
C THR A 206 20.92 -10.22 -6.65
N ALA A 207 20.21 -10.39 -7.79
CA ALA A 207 20.87 -10.19 -9.09
C ALA A 207 21.45 -8.80 -9.27
N ASN A 208 20.94 -7.82 -8.43
CA ASN A 208 21.50 -6.46 -8.50
C ASN A 208 23.01 -6.44 -8.18
N ILE A 209 23.43 -7.31 -7.28
CA ILE A 209 24.84 -7.32 -6.86
C ILE A 209 25.61 -8.51 -7.34
N ALA A 210 24.94 -9.59 -7.71
CA ALA A 210 25.64 -10.82 -8.20
C ALA A 210 24.93 -11.22 -9.48
N PRO A 211 24.90 -10.35 -10.52
CA PRO A 211 24.16 -10.67 -11.76
C PRO A 211 24.70 -11.95 -12.43
N LYS A 212 26.03 -12.11 -12.46
CA LYS A 212 26.63 -13.25 -13.13
C LYS A 212 26.23 -14.54 -12.43
N ALA A 213 26.43 -14.58 -11.12
CA ALA A 213 26.05 -15.74 -10.32
C ALA A 213 24.58 -16.10 -10.40
N MET A 214 23.68 -15.08 -10.31
CA MET A 214 22.27 -15.41 -10.40
C MET A 214 21.88 -15.85 -11.78
N SER A 215 22.49 -15.32 -12.82
CA SER A 215 22.16 -15.76 -14.20
C SER A 215 22.52 -17.25 -14.29
N GLU A 216 23.62 -17.66 -13.67
CA GLU A 216 24.03 -19.10 -13.76
C GLU A 216 23.12 -19.96 -12.92
N VAL A 217 22.69 -19.46 -11.73
CA VAL A 217 21.76 -20.23 -10.90
C VAL A 217 20.49 -20.47 -11.66
N CYS A 218 19.95 -19.41 -12.27
CA CYS A 218 18.70 -19.54 -13.05
C CYS A 218 18.84 -20.53 -14.21
N ALA A 219 19.96 -20.41 -14.94
CA ALA A 219 20.10 -21.26 -16.12
C ALA A 219 20.13 -22.71 -15.71
N VAL A 220 20.87 -23.07 -14.70
CA VAL A 220 20.98 -24.52 -14.33
C VAL A 220 19.70 -25.00 -13.69
N ALA A 221 19.00 -24.09 -12.93
CA ALA A 221 17.74 -24.51 -12.32
C ALA A 221 16.65 -24.74 -13.34
N ILE A 222 16.58 -23.87 -14.32
CA ILE A 222 15.62 -23.99 -15.38
C ILE A 222 15.93 -25.29 -16.21
N ALA A 223 17.20 -25.58 -16.29
CA ALA A 223 17.60 -26.86 -17.02
C ALA A 223 17.34 -28.04 -16.14
N LYS A 224 16.83 -27.84 -14.93
CA LYS A 224 16.53 -28.94 -13.99
C LYS A 224 17.71 -29.70 -13.48
N ASP A 225 18.85 -29.04 -13.38
CA ASP A 225 20.04 -29.64 -12.83
C ASP A 225 20.02 -29.30 -11.33
N GLU A 226 19.47 -30.19 -10.54
CA GLU A 226 19.31 -29.93 -9.13
C GLU A 226 20.61 -29.76 -8.39
N GLN A 227 21.58 -30.63 -8.63
CA GLN A 227 22.84 -30.50 -7.95
C GLN A 227 23.58 -29.18 -8.26
N GLN A 228 23.62 -28.78 -9.50
CA GLN A 228 24.31 -27.55 -9.85
C GLN A 228 23.51 -26.35 -9.33
N ALA A 229 22.21 -26.42 -9.40
CA ALA A 229 21.36 -25.28 -8.87
C ALA A 229 21.67 -25.10 -7.39
N LYS A 230 21.75 -26.16 -6.62
CA LYS A 230 21.99 -26.09 -5.17
C LYS A 230 23.41 -25.59 -4.94
N THR A 231 24.38 -26.11 -5.69
CA THR A 231 25.75 -25.70 -5.57
C THR A 231 25.96 -24.23 -5.88
N LEU A 232 25.41 -23.80 -7.00
CA LEU A 232 25.64 -22.42 -7.42
C LEU A 232 24.84 -21.45 -6.46
N ASN A 233 23.67 -21.88 -6.04
CA ASN A 233 22.89 -20.97 -5.15
C ASN A 233 23.54 -20.86 -3.78
N ASN A 234 24.21 -21.94 -3.33
CA ASN A 234 24.89 -21.88 -2.03
C ASN A 234 25.92 -20.75 -1.94
N LYS A 235 26.60 -20.48 -3.05
CA LYS A 235 27.63 -19.46 -3.11
C LYS A 235 27.05 -18.07 -2.87
N ILE A 236 25.73 -17.91 -3.03
CA ILE A 236 25.13 -16.55 -2.82
C ILE A 236 23.98 -16.58 -1.84
N ALA A 237 23.76 -17.70 -1.18
CA ALA A 237 22.64 -17.89 -0.32
C ALA A 237 22.59 -16.84 0.85
N ASN A 238 23.75 -16.55 1.44
CA ASN A 238 23.69 -15.62 2.56
C ASN A 238 23.29 -14.20 2.02
N LEU A 239 23.57 -13.92 0.78
CA LEU A 239 23.19 -12.58 0.21
C LEU A 239 21.65 -12.50 0.17
N HIS A 240 20.96 -13.59 -0.18
CA HIS A 240 19.51 -13.56 -0.23
C HIS A 240 18.91 -13.16 1.11
N ASN A 241 19.61 -13.47 2.19
CA ASN A 241 19.09 -13.15 3.51
C ASN A 241 19.49 -11.78 3.96
N ILE A 242 20.73 -11.42 3.81
CA ILE A 242 21.20 -10.14 4.30
C ILE A 242 20.60 -8.97 3.51
N LEU A 243 20.17 -9.20 2.28
CA LEU A 243 19.64 -8.08 1.52
C LEU A 243 18.25 -7.70 1.98
N PHE A 244 17.75 -8.39 3.05
CA PHE A 244 16.44 -8.04 3.59
C PHE A 244 16.52 -7.73 5.10
N CYS A 245 17.70 -7.38 5.55
CA CYS A 245 17.86 -7.13 7.01
C CYS A 245 17.03 -5.92 7.36
N GLU A 246 16.81 -5.00 6.40
CA GLU A 246 15.83 -3.92 6.49
C GLU A 246 15.08 -4.01 5.19
N SER A 247 13.93 -3.36 5.08
CA SER A 247 13.09 -3.48 3.87
C SER A 247 13.83 -3.16 2.55
N ASN A 248 13.68 -4.13 1.63
CA ASN A 248 14.22 -3.94 0.29
C ASN A 248 13.55 -2.68 -0.25
N PRO A 249 14.23 -1.82 -0.99
CA PRO A 249 15.65 -1.90 -1.46
C PRO A 249 16.71 -1.23 -0.53
N ILE A 250 16.39 -1.00 0.75
CA ILE A 250 17.39 -0.36 1.59
C ILE A 250 18.75 -1.10 1.60
N PRO A 251 18.77 -2.42 1.88
CA PRO A 251 20.09 -3.09 1.91
C PRO A 251 20.77 -3.17 0.55
N VAL A 252 20.00 -3.50 -0.49
CA VAL A 252 20.66 -3.65 -1.81
C VAL A 252 21.24 -2.38 -2.29
N LYS A 253 20.58 -1.22 -2.05
CA LYS A 253 21.17 0.03 -2.50
C LYS A 253 22.48 0.27 -1.72
N TRP A 254 22.48 -0.06 -0.45
CA TRP A 254 23.75 0.16 0.32
C TRP A 254 24.85 -0.79 -0.21
N ALA A 255 24.46 -2.00 -0.55
CA ALA A 255 25.47 -2.94 -1.09
C ALA A 255 26.07 -2.39 -2.35
N LEU A 256 25.25 -1.85 -3.25
CA LEU A 256 25.76 -1.31 -4.51
C LEU A 256 26.63 -0.12 -4.26
N HIS A 257 26.35 0.62 -3.14
CA HIS A 257 27.18 1.77 -2.83
C HIS A 257 28.55 1.26 -2.30
N GLU A 258 28.54 0.19 -1.53
CA GLU A 258 29.83 -0.39 -1.04
C GLU A 258 30.62 -0.93 -2.21
N MET A 259 29.95 -1.32 -3.28
CA MET A 259 30.60 -1.81 -4.50
C MET A 259 31.10 -0.69 -5.36
N GLY A 260 30.81 0.57 -4.99
CA GLY A 260 31.24 1.71 -5.78
C GLY A 260 30.47 1.98 -7.01
N LEU A 261 29.25 1.44 -7.12
CA LEU A 261 28.46 1.59 -8.35
C LEU A 261 27.34 2.65 -8.28
N ILE A 262 26.87 2.98 -7.07
CA ILE A 262 25.85 4.05 -6.94
C ILE A 262 26.17 4.84 -5.71
N ASP A 263 25.59 6.02 -5.61
CA ASP A 263 25.74 6.86 -4.43
C ASP A 263 24.66 6.47 -3.43
N THR A 264 24.60 7.20 -2.30
CA THR A 264 23.73 6.84 -1.17
C THR A 264 22.28 7.29 -1.28
N GLY A 265 21.87 7.96 -2.36
CA GLY A 265 20.50 8.51 -2.43
C GLY A 265 19.42 7.44 -2.38
N ILE A 266 18.40 7.75 -1.58
CA ILE A 266 17.24 6.90 -1.42
C ILE A 266 16.15 7.79 -0.86
N ARG A 267 14.91 7.66 -1.33
CA ARG A 267 13.90 8.65 -0.97
C ARG A 267 12.98 8.28 0.19
N LEU A 268 12.75 9.28 1.05
CA LEU A 268 11.88 9.08 2.20
C LEU A 268 10.47 8.66 1.66
N PRO A 269 9.80 7.80 2.38
CA PRO A 269 10.10 7.36 3.74
C PRO A 269 11.21 6.32 3.85
N LEU A 270 11.82 5.85 2.74
CA LEU A 270 12.93 4.95 2.89
C LEU A 270 14.17 5.72 3.37
N THR A 271 15.09 4.99 3.98
CA THR A 271 16.28 5.60 4.61
C THR A 271 17.52 4.77 4.25
N PRO A 272 18.70 5.42 4.32
CA PRO A 272 19.93 4.63 4.04
C PRO A 272 20.05 3.55 5.05
N LEU A 273 20.59 2.38 4.66
CA LEU A 273 20.71 1.25 5.57
C LEU A 273 21.27 1.71 6.95
N ALA A 274 20.58 1.26 8.00
CA ALA A 274 21.01 1.61 9.37
C ALA A 274 22.47 1.18 9.59
N GLU A 275 23.22 2.01 10.32
CA GLU A 275 24.67 1.71 10.53
C GLU A 275 24.93 0.35 11.13
N GLN A 276 24.09 -0.14 12.03
CA GLN A 276 24.30 -1.45 12.67
C GLN A 276 24.37 -2.63 11.67
N TYR A 277 23.82 -2.44 10.49
CA TYR A 277 23.83 -3.54 9.50
C TYR A 277 24.90 -3.40 8.48
N ARG A 278 25.64 -2.32 8.46
CA ARG A 278 26.63 -2.11 7.42
C ARG A 278 27.85 -3.04 7.47
N GLU A 279 28.43 -3.26 8.68
CA GLU A 279 29.58 -4.22 8.72
C GLU A 279 29.10 -5.62 8.35
N PRO A 280 27.99 -6.08 8.92
CA PRO A 280 27.57 -7.41 8.55
C PRO A 280 27.40 -7.50 7.03
N LEU A 281 26.79 -6.45 6.43
CA LEU A 281 26.67 -6.46 4.94
C LEU A 281 27.99 -6.42 4.23
N ARG A 282 28.91 -5.57 4.65
CA ARG A 282 30.22 -5.50 4.01
C ARG A 282 30.91 -6.87 4.13
N ASN A 283 30.73 -7.52 5.27
CA ASN A 283 31.39 -8.86 5.51
C ASN A 283 30.77 -9.88 4.54
N ALA A 284 29.43 -9.85 4.39
CA ALA A 284 28.74 -10.79 3.49
C ALA A 284 29.20 -10.58 2.05
N LEU A 285 29.42 -9.34 1.64
CA LEU A 285 29.87 -9.02 0.30
C LEU A 285 31.31 -9.55 0.11
N LYS A 286 32.16 -9.35 1.12
CA LYS A 286 33.56 -9.83 1.05
C LYS A 286 33.55 -11.36 1.00
N ASP A 287 32.77 -12.00 1.85
CA ASP A 287 32.60 -13.50 1.85
C ASP A 287 32.20 -14.05 0.49
N ALA A 288 31.37 -13.31 -0.25
CA ALA A 288 30.85 -13.79 -1.52
C ALA A 288 31.75 -13.39 -2.67
N GLY A 289 32.87 -12.75 -2.34
CA GLY A 289 33.79 -12.27 -3.37
C GLY A 289 33.33 -11.11 -4.21
N ILE A 290 32.32 -10.44 -3.72
CA ILE A 290 31.84 -9.25 -4.48
C ILE A 290 32.72 -8.03 -4.30
N ILE A 291 33.19 -7.80 -3.09
CA ILE A 291 34.17 -6.72 -2.88
C ILE A 291 35.34 -7.39 -2.15
N THR B 1 -7.37 18.12 19.88
CA THR B 1 -8.49 18.71 20.63
C THR B 1 -9.81 18.29 20.03
N ILE B 2 -9.81 17.75 18.76
CA ILE B 2 -11.08 17.25 18.18
C ILE B 2 -11.43 15.96 18.97
N GLN B 3 -12.67 15.93 19.50
CA GLN B 3 -13.11 14.78 20.29
C GLN B 3 -14.46 14.31 19.84
N GLY B 4 -14.76 13.07 20.18
CA GLY B 4 -16.11 12.50 19.91
C GLY B 4 -16.15 11.56 18.73
N SER B 5 -17.28 11.56 18.07
CA SER B 5 -17.53 10.69 16.91
C SER B 5 -17.09 11.40 15.67
N ILE B 6 -16.06 10.85 15.05
CA ILE B 6 -15.45 11.46 13.86
C ILE B 6 -15.69 10.46 12.72
N VAL B 7 -16.60 10.80 11.82
CA VAL B 7 -16.90 9.83 10.73
C VAL B 7 -15.83 9.88 9.64
N ALA B 8 -15.41 8.69 9.24
CA ALA B 8 -14.50 8.53 8.11
C ALA B 8 -15.49 8.39 6.95
N ILE B 9 -15.89 9.54 6.40
CA ILE B 9 -16.97 9.54 5.46
C ILE B 9 -16.64 8.93 4.10
N VAL B 10 -17.65 8.23 3.55
CA VAL B 10 -17.51 7.67 2.20
C VAL B 10 -17.52 8.81 1.21
N THR B 11 -17.06 8.53 -0.01
CA THR B 11 -17.15 9.51 -1.07
C THR B 11 -18.22 8.99 -2.01
N PRO B 12 -19.47 9.49 -1.90
CA PRO B 12 -20.58 9.00 -2.71
C PRO B 12 -20.24 9.16 -4.22
N MET B 13 -20.62 8.12 -5.00
CA MET B 13 -20.31 8.16 -6.45
C MET B 13 -21.52 7.75 -7.27
N LEU B 14 -21.56 8.35 -8.46
CA LEU B 14 -22.65 7.99 -9.43
C LEU B 14 -22.26 6.60 -9.94
N LYS B 15 -23.16 5.97 -10.67
CA LYS B 15 -22.89 4.64 -11.14
C LYS B 15 -21.64 4.53 -11.99
N ASP B 16 -21.32 5.59 -12.74
CA ASP B 16 -20.12 5.58 -13.58
C ASP B 16 -18.83 5.89 -12.82
N GLY B 17 -18.94 6.07 -11.51
CA GLY B 17 -17.75 6.40 -10.74
C GLY B 17 -17.51 7.79 -10.38
N GLY B 18 -18.18 8.72 -11.10
CA GLY B 18 -17.99 10.16 -10.83
C GLY B 18 -18.45 10.47 -9.41
N VAL B 19 -17.81 11.48 -8.85
CA VAL B 19 -18.19 11.88 -7.44
C VAL B 19 -19.63 12.41 -7.53
N ASP B 20 -20.45 11.98 -6.60
CA ASP B 20 -21.86 12.39 -6.51
C ASP B 20 -21.94 13.56 -5.52
N TRP B 21 -21.70 14.77 -6.03
CA TRP B 21 -21.66 15.97 -5.22
C TRP B 21 -22.94 16.25 -4.47
N LYS B 22 -24.09 16.03 -5.11
CA LYS B 22 -25.35 16.30 -4.45
C LYS B 22 -25.56 15.39 -3.24
N SER B 23 -25.26 14.10 -3.41
CA SER B 23 -25.40 13.16 -2.30
C SER B 23 -24.38 13.47 -1.17
N LEU B 24 -23.18 13.86 -1.58
CA LEU B 24 -22.16 14.22 -0.58
C LEU B 24 -22.64 15.37 0.30
N GLU B 25 -23.15 16.41 -0.34
CA GLU B 25 -23.66 17.58 0.41
C GLU B 25 -24.73 17.18 1.37
N LYS B 26 -25.65 16.30 0.94
CA LYS B 26 -26.74 15.88 1.82
C LYS B 26 -26.20 15.01 2.98
N LEU B 27 -25.17 14.18 2.72
CA LEU B 27 -24.58 13.39 3.77
C LEU B 27 -23.91 14.23 4.85
N VAL B 28 -23.17 15.26 4.40
CA VAL B 28 -22.51 16.14 5.38
C VAL B 28 -23.55 16.82 6.29
N GLU B 29 -24.63 17.33 5.68
CA GLU B 29 -25.68 17.98 6.45
C GLU B 29 -26.31 17.01 7.44
N TRP B 30 -26.59 15.82 6.97
CA TRP B 30 -27.19 14.76 7.79
C TRP B 30 -26.29 14.50 8.99
N HIS B 31 -24.96 14.31 8.74
CA HIS B 31 -24.05 14.08 9.85
C HIS B 31 -24.08 15.18 10.90
N ILE B 32 -24.08 16.42 10.42
CA ILE B 32 -24.11 17.53 11.37
C ILE B 32 -25.46 17.54 12.18
N GLU B 33 -26.55 17.25 11.50
CA GLU B 33 -27.87 17.20 12.15
C GLU B 33 -27.95 16.06 13.17
N GLN B 34 -27.33 14.92 12.83
CA GLN B 34 -27.41 13.75 13.66
C GLN B 34 -26.47 13.68 14.83
N GLY B 35 -25.48 14.55 14.91
CA GLY B 35 -24.58 14.57 16.06
C GLY B 35 -23.11 14.24 15.85
N THR B 36 -22.77 13.95 14.58
CA THR B 36 -21.33 13.65 14.27
C THR B 36 -20.53 14.90 14.65
N ASN B 37 -19.39 14.66 15.31
CA ASN B 37 -18.58 15.76 15.81
C ASN B 37 -17.53 16.28 14.87
N SER B 38 -17.12 15.44 13.90
CA SER B 38 -16.09 15.86 12.94
C SER B 38 -16.16 14.86 11.80
N ILE B 39 -15.61 15.27 10.66
CA ILE B 39 -15.60 14.43 9.45
C ILE B 39 -14.20 14.32 8.95
N VAL B 40 -13.77 13.11 8.61
CA VAL B 40 -12.46 12.90 7.93
C VAL B 40 -12.86 12.81 6.47
N ALA B 41 -12.34 13.72 5.69
CA ALA B 41 -12.62 13.77 4.21
C ALA B 41 -11.50 13.01 3.53
N VAL B 42 -11.92 12.14 2.60
CA VAL B 42 -10.99 11.37 1.74
C VAL B 42 -9.99 10.62 2.57
N GLY B 43 -10.43 9.83 3.51
CA GLY B 43 -9.59 8.86 4.20
C GLY B 43 -9.75 7.52 3.47
N THR B 44 -9.36 6.43 4.14
CA THR B 44 -9.47 5.11 3.48
C THR B 44 -10.92 4.84 3.09
N THR B 45 -11.82 5.12 4.00
CA THR B 45 -13.25 4.86 3.74
C THR B 45 -13.80 5.74 2.62
N GLY B 46 -13.13 6.87 2.35
CA GLY B 46 -13.53 7.79 1.31
C GLY B 46 -12.84 7.49 -0.05
N GLU B 47 -12.23 6.31 -0.15
CA GLU B 47 -11.51 5.89 -1.37
C GLU B 47 -10.45 6.84 -1.84
N ALA B 48 -9.59 7.29 -0.89
CA ALA B 48 -8.49 8.19 -1.25
C ALA B 48 -7.67 7.60 -2.40
N SER B 49 -7.46 6.27 -2.36
CA SER B 49 -6.62 5.61 -3.36
C SER B 49 -7.10 5.76 -4.80
N THR B 50 -8.37 5.89 -5.05
CA THR B 50 -8.86 5.99 -6.43
C THR B 50 -9.36 7.31 -6.88
N LEU B 51 -9.21 8.34 -6.00
CA LEU B 51 -9.55 9.69 -6.40
C LEU B 51 -8.29 10.36 -6.94
N SER B 52 -8.46 11.21 -7.95
CA SER B 52 -7.34 11.95 -8.48
C SER B 52 -7.00 13.05 -7.50
N MET B 53 -5.83 13.66 -7.68
CA MET B 53 -5.43 14.78 -6.82
C MET B 53 -6.45 15.87 -6.88
N GLU B 54 -7.00 16.16 -8.05
CA GLU B 54 -8.02 17.19 -8.20
C GLU B 54 -9.29 16.83 -7.45
N GLU B 55 -9.71 15.56 -7.54
CA GLU B 55 -10.91 15.11 -6.88
C GLU B 55 -10.74 15.15 -5.38
N HIS B 56 -9.53 14.81 -4.94
CA HIS B 56 -9.12 14.82 -3.52
C HIS B 56 -9.36 16.24 -3.00
N THR B 57 -8.82 17.23 -3.71
CA THR B 57 -8.98 18.63 -3.33
C THR B 57 -10.40 19.04 -3.33
N GLN B 58 -11.17 18.69 -4.36
CA GLN B 58 -12.57 19.09 -4.52
C GLN B 58 -13.46 18.51 -3.42
N VAL B 59 -13.18 17.22 -3.01
CA VAL B 59 -13.99 16.60 -1.97
C VAL B 59 -13.73 17.34 -0.65
N ILE B 60 -12.48 17.60 -0.36
CA ILE B 60 -12.15 18.31 0.89
C ILE B 60 -12.81 19.67 0.87
N LYS B 61 -12.65 20.37 -0.28
CA LYS B 61 -13.25 21.71 -0.39
C LYS B 61 -14.73 21.69 -0.23
N GLU B 62 -15.43 20.73 -0.80
CA GLU B 62 -16.89 20.70 -0.74
C GLU B 62 -17.36 20.36 0.67
N ILE B 63 -16.69 19.41 1.35
CA ILE B 63 -17.10 19.10 2.71
C ILE B 63 -16.90 20.29 3.62
N ILE B 64 -15.78 20.98 3.45
CA ILE B 64 -15.55 22.20 4.30
C ILE B 64 -16.62 23.22 3.96
N ARG B 65 -16.93 23.43 2.67
CA ARG B 65 -17.97 24.41 2.32
C ARG B 65 -19.31 24.10 2.98
N VAL B 66 -19.79 22.88 2.81
CA VAL B 66 -21.09 22.50 3.35
C VAL B 66 -21.06 22.55 4.89
N ALA B 67 -19.99 22.12 5.51
CA ALA B 67 -19.91 22.13 6.98
C ALA B 67 -20.07 23.53 7.51
N ASN B 68 -19.57 24.51 6.80
CA ASN B 68 -19.71 25.90 7.17
C ASN B 68 -19.30 26.21 8.59
N LYS B 69 -18.13 25.69 8.95
CA LYS B 69 -17.55 25.89 10.28
C LYS B 69 -18.29 25.32 11.48
N ARG B 70 -19.32 24.52 11.22
CA ARG B 70 -20.12 23.95 12.34
C ARG B 70 -19.39 22.84 13.04
N ILE B 71 -18.59 22.06 12.31
CA ILE B 71 -17.75 21.01 12.93
C ILE B 71 -16.38 21.04 12.29
N PRO B 72 -15.37 20.54 12.96
CA PRO B 72 -14.03 20.52 12.33
C PRO B 72 -13.93 19.46 11.29
N ILE B 73 -13.15 19.78 10.22
CA ILE B 73 -12.95 18.84 9.12
C ILE B 73 -11.50 18.41 9.08
N ILE B 74 -11.30 17.10 9.07
CA ILE B 74 -9.96 16.57 9.01
C ILE B 74 -9.76 16.01 7.59
N ALA B 75 -8.65 16.38 6.94
CA ALA B 75 -8.43 15.92 5.61
C ALA B 75 -7.46 14.76 5.60
N GLY B 76 -7.87 13.69 4.85
CA GLY B 76 -6.95 12.57 4.67
C GLY B 76 -5.89 13.01 3.68
N THR B 77 -4.63 12.97 4.07
CA THR B 77 -3.55 13.41 3.18
C THR B 77 -2.36 12.48 3.17
N GLY B 78 -2.59 11.24 3.55
CA GLY B 78 -1.45 10.26 3.60
C GLY B 78 -1.01 9.84 2.21
N ALA B 79 0.23 9.45 2.14
CA ALA B 79 0.83 8.92 0.90
C ALA B 79 2.03 8.11 1.29
N ASN B 80 2.51 7.22 0.39
CA ASN B 80 3.68 6.47 0.74
C ASN B 80 4.98 7.08 0.25
N SER B 81 4.85 8.31 -0.28
CA SER B 81 6.00 9.13 -0.63
C SER B 81 5.94 10.35 0.25
N THR B 82 7.04 10.65 0.93
CA THR B 82 7.04 11.81 1.82
C THR B 82 6.77 13.07 1.05
N ARG B 83 7.35 13.17 -0.15
CA ARG B 83 7.16 14.34 -1.01
C ARG B 83 5.68 14.52 -1.32
N GLU B 84 4.99 13.44 -1.68
CA GLU B 84 3.59 13.55 -1.98
C GLU B 84 2.74 13.88 -0.77
N ALA B 85 3.05 13.30 0.37
CA ALA B 85 2.31 13.58 1.59
C ALA B 85 2.44 15.05 1.95
N ILE B 86 3.61 15.63 1.71
CA ILE B 86 3.78 17.09 1.98
C ILE B 86 2.88 17.86 1.06
N GLU B 87 2.87 17.54 -0.24
CA GLU B 87 2.09 18.27 -1.18
C GLU B 87 0.55 18.20 -0.84
N LEU B 88 0.08 16.99 -0.49
CA LEU B 88 -1.30 16.82 -0.16
C LEU B 88 -1.68 17.54 1.15
N THR B 89 -0.78 17.45 2.13
CA THR B 89 -1.02 18.13 3.38
C THR B 89 -1.01 19.64 3.27
N LYS B 90 -0.16 20.19 2.40
CA LYS B 90 -0.16 21.63 2.16
C LYS B 90 -1.42 22.01 1.51
N ALA B 91 -1.93 21.21 0.57
CA ALA B 91 -3.17 21.52 -0.11
C ALA B 91 -4.33 21.56 0.89
N ALA B 92 -4.34 20.60 1.84
CA ALA B 92 -5.41 20.57 2.83
C ALA B 92 -5.30 21.82 3.70
N LYS B 93 -4.10 22.22 4.05
CA LYS B 93 -3.94 23.42 4.90
C LYS B 93 -4.53 24.63 4.13
N ASP B 94 -4.15 24.79 2.88
CA ASP B 94 -4.61 25.94 2.10
C ASP B 94 -6.10 25.94 1.89
N LEU B 95 -6.73 24.75 1.92
CA LEU B 95 -8.16 24.67 1.79
C LEU B 95 -8.93 25.00 3.07
N GLY B 96 -8.19 25.13 4.15
CA GLY B 96 -8.78 25.50 5.42
C GLY B 96 -9.19 24.26 6.29
N ALA B 97 -8.59 23.10 6.00
CA ALA B 97 -8.90 21.92 6.87
C ALA B 97 -8.37 22.23 8.22
N ASP B 98 -9.04 21.65 9.26
CA ASP B 98 -8.61 21.86 10.64
C ASP B 98 -7.47 21.00 11.06
N ALA B 99 -7.29 19.85 10.36
CA ALA B 99 -6.19 18.93 10.66
C ALA B 99 -6.09 18.00 9.48
N ALA B 100 -5.02 17.21 9.47
CA ALA B 100 -4.83 16.19 8.40
C ALA B 100 -4.60 14.88 9.06
N LEU B 101 -5.09 13.81 8.41
CA LEU B 101 -4.93 12.43 8.89
C LEU B 101 -3.99 11.76 7.93
N LEU B 102 -2.88 11.24 8.42
CA LEU B 102 -1.87 10.63 7.54
C LEU B 102 -1.53 9.22 7.90
N VAL B 103 -2.06 8.29 7.08
CA VAL B 103 -1.75 6.88 7.28
C VAL B 103 -0.26 6.65 7.08
N THR B 104 0.30 5.69 7.77
CA THR B 104 1.73 5.36 7.58
C THR B 104 1.93 4.96 6.12
N PRO B 105 3.08 5.31 5.56
CA PRO B 105 3.37 4.85 4.22
C PRO B 105 3.11 3.34 4.08
N TYR B 106 2.34 3.00 3.05
CA TYR B 106 1.98 1.62 2.79
C TYR B 106 2.80 1.06 1.64
N TYR B 107 2.88 -0.26 1.65
CA TYR B 107 3.58 -1.02 0.56
C TYR B 107 5.08 -0.95 0.57
N ASN B 108 5.68 0.22 0.71
CA ASN B 108 7.14 0.28 0.71
C ASN B 108 7.87 0.00 2.01
N LYS B 109 7.10 -0.23 3.10
CA LYS B 109 7.62 -0.72 4.36
C LYS B 109 8.81 0.03 4.93
N PRO B 110 8.66 1.34 5.20
CA PRO B 110 9.77 2.07 5.79
C PRO B 110 10.14 1.49 7.17
N THR B 111 11.33 1.82 7.64
CA THR B 111 11.79 1.39 9.00
C THR B 111 11.09 2.31 10.01
N GLN B 112 11.24 2.01 11.28
CA GLN B 112 10.66 2.91 12.30
C GLN B 112 11.25 4.28 12.21
N GLU B 113 12.60 4.33 11.99
CA GLU B 113 13.23 5.64 11.85
C GLU B 113 12.76 6.33 10.61
N GLY B 114 12.45 5.55 9.54
CA GLY B 114 11.92 6.14 8.34
C GLY B 114 10.52 6.74 8.57
N LEU B 115 9.72 6.02 9.38
CA LEU B 115 8.39 6.57 9.72
C LEU B 115 8.57 7.87 10.50
N TYR B 116 9.58 7.86 11.41
CA TYR B 116 9.82 9.08 12.17
C TYR B 116 10.22 10.22 11.29
N GLN B 117 11.20 9.99 10.37
CA GLN B 117 11.60 11.04 9.50
C GLN B 117 10.54 11.53 8.54
N HIS B 118 9.70 10.59 8.08
CA HIS B 118 8.59 10.88 7.20
C HIS B 118 7.68 11.93 7.86
N TYR B 119 7.18 11.57 9.07
CA TYR B 119 6.24 12.47 9.73
C TYR B 119 6.91 13.77 10.19
N LYS B 120 8.16 13.69 10.58
CA LYS B 120 8.88 14.91 11.04
C LYS B 120 9.03 15.86 9.88
N ALA B 121 9.34 15.31 8.69
CA ALA B 121 9.49 16.18 7.50
C ALA B 121 8.20 16.85 7.15
N ILE B 122 7.05 16.12 7.25
CA ILE B 122 5.78 16.74 6.91
C ILE B 122 5.42 17.80 7.97
N ALA B 123 5.62 17.45 9.25
CA ALA B 123 5.30 18.43 10.34
C ALA B 123 6.12 19.70 10.19
N GLU B 124 7.37 19.57 9.77
CA GLU B 124 8.22 20.80 9.62
C GLU B 124 7.91 21.53 8.37
N ALA B 125 7.31 20.90 7.38
CA ALA B 125 6.99 21.53 6.15
C ALA B 125 5.66 22.24 6.08
N VAL B 126 4.69 21.77 6.89
CA VAL B 126 3.34 22.32 6.84
C VAL B 126 2.86 22.65 8.24
N GLU B 127 2.44 23.87 8.46
CA GLU B 127 1.93 24.24 9.79
C GLU B 127 0.45 23.89 9.89
N LEU B 128 0.19 22.62 10.22
CA LEU B 128 -1.17 22.13 10.32
C LEU B 128 -1.14 20.98 11.32
N PRO B 129 -2.23 20.85 12.12
CA PRO B 129 -2.23 19.73 13.06
C PRO B 129 -2.29 18.39 12.28
N LEU B 130 -1.43 17.47 12.66
CA LEU B 130 -1.37 16.16 11.93
C LEU B 130 -1.71 15.04 12.87
N ILE B 131 -2.52 14.11 12.36
CA ILE B 131 -2.89 12.95 13.15
C ILE B 131 -2.31 11.74 12.41
N LEU B 132 -1.46 11.01 13.10
CA LEU B 132 -0.88 9.76 12.57
C LEU B 132 -1.98 8.71 12.42
N TYR B 133 -1.74 7.69 11.62
CA TYR B 133 -2.74 6.65 11.43
C TYR B 133 -2.04 5.32 11.14
N ASN B 134 -2.22 4.38 12.08
CA ASN B 134 -1.58 3.08 12.02
C ASN B 134 -2.64 2.00 11.82
N VAL B 135 -2.49 1.25 10.70
CA VAL B 135 -3.44 0.18 10.33
C VAL B 135 -2.56 -0.86 9.62
N PRO B 136 -1.74 -1.61 10.39
CA PRO B 136 -0.73 -2.59 9.90
C PRO B 136 -1.28 -3.56 8.88
N GLY B 137 -2.51 -4.02 9.09
CA GLY B 137 -3.03 -5.05 8.16
C GLY B 137 -3.16 -4.57 6.76
N ARG B 138 -3.32 -3.25 6.54
CA ARG B 138 -3.38 -2.71 5.22
C ARG B 138 -2.06 -2.21 4.64
N THR B 139 -1.19 -1.75 5.52
CA THR B 139 0.03 -1.05 5.09
C THR B 139 1.28 -1.87 5.01
N GLY B 140 1.38 -2.99 5.74
CA GLY B 140 2.59 -3.77 5.73
C GLY B 140 3.62 -3.25 6.74
N VAL B 141 3.21 -2.22 7.52
CA VAL B 141 4.15 -1.70 8.55
C VAL B 141 3.34 -1.35 9.80
N ASP B 142 4.00 -1.47 10.93
CA ASP B 142 3.35 -1.20 12.20
C ASP B 142 4.15 -0.11 12.92
N LEU B 143 3.52 1.10 13.00
CA LEU B 143 4.19 2.20 13.73
C LEU B 143 4.08 1.85 15.22
N SER B 144 5.23 1.57 15.82
CA SER B 144 5.21 1.13 17.21
C SER B 144 4.76 2.23 18.19
N ASN B 145 4.34 1.80 19.37
CA ASN B 145 4.00 2.77 20.40
C ASN B 145 5.21 3.65 20.71
N ASP B 146 6.38 3.01 20.74
CA ASP B 146 7.61 3.79 21.05
C ASP B 146 7.86 4.86 20.02
N THR B 147 7.62 4.53 18.72
CA THR B 147 7.79 5.54 17.68
C THR B 147 6.69 6.63 17.80
N ALA B 148 5.49 6.22 18.15
CA ALA B 148 4.43 7.18 18.31
C ALA B 148 4.72 8.18 19.45
N VAL B 149 5.24 7.64 20.54
CA VAL B 149 5.61 8.49 21.70
C VAL B 149 6.73 9.47 21.30
N ARG B 150 7.66 9.01 20.47
CA ARG B 150 8.71 9.93 19.97
C ARG B 150 8.13 11.02 19.13
N LEU B 151 7.19 10.64 18.19
CA LEU B 151 6.60 11.63 17.32
C LEU B 151 5.71 12.64 18.03
N ALA B 152 5.19 12.23 19.20
CA ALA B 152 4.35 13.15 19.94
C ALA B 152 5.11 14.37 20.41
N GLU B 153 6.44 14.26 20.44
CA GLU B 153 7.28 15.41 20.83
C GLU B 153 7.45 16.40 19.72
N ILE B 154 7.10 16.05 18.47
CA ILE B 154 7.26 16.94 17.34
C ILE B 154 6.14 17.95 17.23
N PRO B 155 6.45 19.23 17.08
CA PRO B 155 5.40 20.20 16.98
C PRO B 155 4.53 19.91 15.73
N ASN B 156 3.22 20.00 15.92
CA ASN B 156 2.21 19.80 14.87
C ASN B 156 1.70 18.34 14.85
N ILE B 157 2.38 17.45 15.50
CA ILE B 157 1.86 16.04 15.55
C ILE B 157 0.98 16.02 16.80
N VAL B 158 -0.34 16.00 16.57
CA VAL B 158 -1.27 16.14 17.65
C VAL B 158 -2.10 14.91 18.01
N GLY B 159 -1.89 13.80 17.29
CA GLY B 159 -2.68 12.62 17.65
C GLY B 159 -2.34 11.44 16.77
N ILE B 160 -2.96 10.30 17.10
CA ILE B 160 -2.77 9.06 16.34
C ILE B 160 -4.09 8.30 16.31
N LYS B 161 -4.44 7.84 15.13
CA LYS B 161 -5.60 6.94 14.94
C LYS B 161 -5.02 5.55 15.04
N ASP B 162 -5.37 4.84 16.09
CA ASP B 162 -4.87 3.48 16.37
C ASP B 162 -5.92 2.51 15.91
N ALA B 163 -5.69 1.91 14.72
CA ALA B 163 -6.67 0.92 14.18
C ALA B 163 -6.30 -0.51 14.47
N THR B 164 -5.42 -0.76 15.42
CA THR B 164 -5.02 -2.14 15.71
C THR B 164 -6.13 -2.94 16.37
N GLY B 165 -7.03 -2.29 17.09
CA GLY B 165 -8.06 -3.03 17.82
C GLY B 165 -7.49 -3.80 18.98
N ASP B 166 -6.22 -3.50 19.33
CA ASP B 166 -5.53 -4.12 20.41
C ASP B 166 -5.67 -3.20 21.62
N VAL B 167 -6.67 -3.47 22.46
CA VAL B 167 -6.95 -2.53 23.55
C VAL B 167 -5.84 -2.39 24.61
N PRO B 168 -5.24 -3.54 25.06
CA PRO B 168 -4.16 -3.33 25.99
C PRO B 168 -3.04 -2.46 25.44
N ARG B 169 -2.73 -2.67 24.16
CA ARG B 169 -1.70 -1.91 23.51
C ARG B 169 -2.10 -0.42 23.39
N GLY B 170 -3.38 -0.15 23.07
CA GLY B 170 -3.82 1.24 23.02
C GLY B 170 -3.75 1.91 24.37
N LYS B 171 -4.20 1.16 25.41
CA LYS B 171 -4.12 1.76 26.77
C LYS B 171 -2.67 2.04 27.15
N ALA B 172 -1.77 1.15 26.76
CA ALA B 172 -0.34 1.37 27.04
C ALA B 172 0.14 2.64 26.39
N LEU B 173 -0.33 2.85 25.17
CA LEU B 173 0.04 4.08 24.43
C LEU B 173 -0.51 5.33 25.09
N ILE B 174 -1.77 5.27 25.48
CA ILE B 174 -2.43 6.43 26.13
C ILE B 174 -1.63 6.73 27.45
N ASP B 175 -1.37 5.68 28.17
CA ASP B 175 -0.64 5.89 29.46
C ASP B 175 0.75 6.45 29.28
N ALA B 176 1.44 5.98 28.26
CA ALA B 176 2.81 6.43 28.00
C ALA B 176 2.83 7.88 27.59
N LEU B 177 1.84 8.28 26.75
CA LEU B 177 1.77 9.66 26.29
C LEU B 177 1.46 10.69 27.34
N ASN B 178 0.66 10.26 28.32
CA ASN B 178 0.27 11.18 29.39
C ASN B 178 -0.19 12.50 28.86
N GLY B 179 -1.08 12.46 27.84
CA GLY B 179 -1.65 13.67 27.30
C GLY B 179 -0.87 14.43 26.25
N LYS B 180 0.36 13.99 25.94
CA LYS B 180 1.17 14.73 24.99
C LYS B 180 0.54 14.86 23.59
N MET B 181 -0.21 13.81 23.19
CA MET B 181 -0.97 13.93 21.96
C MET B 181 -2.25 13.05 22.16
N ALA B 182 -3.22 13.23 21.28
CA ALA B 182 -4.48 12.45 21.42
C ALA B 182 -4.34 11.06 20.78
N VAL B 183 -5.22 10.17 21.26
CA VAL B 183 -5.32 8.82 20.72
C VAL B 183 -6.77 8.67 20.31
N TYR B 184 -6.96 8.23 19.07
CA TYR B 184 -8.31 7.98 18.56
C TYR B 184 -8.41 6.51 18.20
N SER B 185 -9.55 5.89 18.49
CA SER B 185 -9.71 4.53 18.02
C SER B 185 -9.92 4.55 16.51
N GLY B 186 -9.41 3.54 15.85
CA GLY B 186 -9.66 3.30 14.43
C GLY B 186 -10.32 1.93 14.29
N ASP B 187 -10.90 1.42 15.34
CA ASP B 187 -11.53 0.07 15.33
C ASP B 187 -12.88 0.17 16.02
N ASP B 188 -13.94 0.26 15.23
CA ASP B 188 -15.27 0.43 15.80
C ASP B 188 -15.62 -0.62 16.85
N GLU B 189 -15.22 -1.89 16.61
CA GLU B 189 -15.58 -2.95 17.58
C GLU B 189 -15.10 -2.65 18.96
N THR B 190 -13.91 -2.09 19.11
CA THR B 190 -13.35 -1.81 20.42
C THR B 190 -13.31 -0.32 20.82
N ALA B 191 -13.79 0.56 19.96
CA ALA B 191 -13.67 2.01 20.22
C ALA B 191 -14.24 2.40 21.60
N TRP B 192 -15.44 1.87 21.91
CA TRP B 192 -16.05 2.22 23.21
C TRP B 192 -15.12 1.95 24.35
N GLU B 193 -14.37 0.84 24.33
CA GLU B 193 -13.44 0.51 25.39
C GLU B 193 -12.28 1.52 25.42
N LEU B 194 -11.66 1.71 24.26
CA LEU B 194 -10.52 2.65 24.20
C LEU B 194 -10.91 4.03 24.72
N MET B 195 -12.12 4.49 24.38
CA MET B 195 -12.56 5.78 24.87
C MET B 195 -12.74 5.78 26.39
N LEU B 196 -13.24 4.65 26.91
CA LEU B 196 -13.37 4.59 28.40
C LEU B 196 -12.02 4.59 29.02
N LEU B 197 -10.98 4.14 28.29
CA LEU B 197 -9.61 4.11 28.79
C LEU B 197 -8.82 5.38 28.49
N GLY B 198 -9.47 6.40 27.91
CA GLY B 198 -8.78 7.68 27.71
C GLY B 198 -8.66 8.17 26.28
N ALA B 199 -9.10 7.39 25.31
CA ALA B 199 -9.03 7.88 23.92
C ALA B 199 -9.95 9.08 23.74
N ASP B 200 -9.58 9.99 22.85
CA ASP B 200 -10.33 11.22 22.59
C ASP B 200 -11.47 11.09 21.65
N GLY B 201 -11.62 9.89 21.00
CA GLY B 201 -12.71 9.76 20.06
C GLY B 201 -12.52 8.49 19.23
N ASN B 202 -13.44 8.39 18.25
CA ASN B 202 -13.43 7.21 17.36
C ASN B 202 -13.57 7.74 15.93
N ILE B 203 -12.55 7.42 15.10
CA ILE B 203 -12.58 7.77 13.69
C ILE B 203 -13.21 6.57 13.09
N SER B 204 -14.52 6.69 12.86
CA SER B 204 -15.42 5.56 12.68
C SER B 204 -15.96 5.30 11.26
N VAL B 205 -16.11 3.98 11.00
CA VAL B 205 -16.82 3.50 9.80
C VAL B 205 -18.29 3.42 10.13
N THR B 206 -18.62 2.77 11.26
CA THR B 206 -20.03 2.63 11.63
C THR B 206 -20.78 3.93 11.70
N ALA B 207 -20.10 5.02 12.10
CA ALA B 207 -20.74 6.34 12.16
C ALA B 207 -21.36 6.78 10.85
N ASN B 208 -20.90 6.17 9.74
CA ASN B 208 -21.46 6.49 8.44
C ASN B 208 -22.94 6.17 8.31
N ILE B 209 -23.35 5.08 8.99
CA ILE B 209 -24.76 4.67 8.89
C ILE B 209 -25.51 4.81 10.20
N ALA B 210 -24.83 5.01 11.32
CA ALA B 210 -25.49 5.22 12.63
C ALA B 210 -24.80 6.43 13.28
N PRO B 211 -24.86 7.61 12.64
CA PRO B 211 -24.14 8.75 13.23
C PRO B 211 -24.68 9.19 14.60
N LYS B 212 -26.02 9.16 14.76
CA LYS B 212 -26.53 9.55 16.07
C LYS B 212 -26.10 8.59 17.15
N ALA B 213 -26.24 7.26 16.89
CA ALA B 213 -25.88 6.28 17.86
C ALA B 213 -24.40 6.35 18.23
N MET B 214 -23.54 6.52 17.23
CA MET B 214 -22.14 6.61 17.54
C MET B 214 -21.77 7.87 18.27
N SER B 215 -22.47 8.95 17.95
CA SER B 215 -22.21 10.22 18.71
C SER B 215 -22.50 9.98 20.18
N GLU B 216 -23.58 9.19 20.46
CA GLU B 216 -23.92 8.92 21.86
C GLU B 216 -22.94 8.00 22.52
N VAL B 217 -22.44 6.95 21.80
CA VAL B 217 -21.51 6.06 22.38
C VAL B 217 -20.21 6.79 22.77
N CYS B 218 -19.76 7.68 21.88
CA CYS B 218 -18.49 8.39 22.18
C CYS B 218 -18.72 9.37 23.34
N ALA B 219 -19.88 10.03 23.38
CA ALA B 219 -20.14 10.99 24.49
C ALA B 219 -20.14 10.28 25.82
N VAL B 220 -20.85 9.15 25.93
CA VAL B 220 -20.86 8.50 27.26
C VAL B 220 -19.55 7.84 27.60
N ALA B 221 -18.81 7.32 26.58
CA ALA B 221 -17.55 6.71 26.85
C ALA B 221 -16.47 7.71 27.26
N ILE B 222 -16.51 8.86 26.59
CA ILE B 222 -15.57 9.96 26.94
C ILE B 222 -15.89 10.46 28.36
N ALA B 223 -17.16 10.44 28.74
CA ALA B 223 -17.60 10.84 30.09
C ALA B 223 -17.29 9.75 31.08
N LYS B 224 -16.75 8.63 30.65
CA LYS B 224 -16.33 7.50 31.53
C LYS B 224 -17.48 6.81 32.16
N ASP B 225 -18.60 6.73 31.49
CA ASP B 225 -19.78 5.98 32.02
C ASP B 225 -19.71 4.61 31.37
N GLU B 226 -19.09 3.69 32.05
CA GLU B 226 -18.82 2.33 31.52
C GLU B 226 -20.14 1.62 31.15
N GLN B 227 -21.14 1.68 32.04
CA GLN B 227 -22.33 0.92 31.70
C GLN B 227 -23.10 1.53 30.53
N GLN B 228 -23.22 2.86 30.45
CA GLN B 228 -23.95 3.45 29.33
C GLN B 228 -23.19 3.14 28.00
N ALA B 229 -21.87 3.21 28.06
CA ALA B 229 -21.06 2.89 26.83
C ALA B 229 -21.33 1.46 26.37
N LYS B 230 -21.35 0.54 27.33
CA LYS B 230 -21.61 -0.87 27.04
C LYS B 230 -23.00 -1.07 26.43
N THR B 231 -24.02 -0.51 27.08
CA THR B 231 -25.36 -0.67 26.63
C THR B 231 -25.62 -0.07 25.27
N LEU B 232 -25.18 1.20 25.07
CA LEU B 232 -25.39 1.83 23.80
C LEU B 232 -24.59 1.20 22.70
N ASN B 233 -23.35 0.79 23.00
CA ASN B 233 -22.54 0.13 21.93
C ASN B 233 -23.14 -1.22 21.59
N ASN B 234 -23.74 -1.89 22.59
CA ASN B 234 -24.30 -3.23 22.28
C ASN B 234 -25.38 -3.17 21.24
N LYS B 235 -26.14 -2.07 21.16
CA LYS B 235 -27.19 -1.97 20.16
C LYS B 235 -26.68 -1.96 18.75
N ILE B 236 -25.46 -1.44 18.56
CA ILE B 236 -24.87 -1.36 17.18
C ILE B 236 -23.69 -2.24 17.00
N ALA B 237 -23.39 -3.14 17.96
CA ALA B 237 -22.15 -4.00 17.93
C ALA B 237 -22.14 -4.88 16.65
N ASN B 238 -23.30 -5.38 16.26
CA ASN B 238 -23.29 -6.26 15.08
C ASN B 238 -22.99 -5.47 13.83
N LEU B 239 -23.30 -4.18 13.85
CA LEU B 239 -22.90 -3.36 12.64
C LEU B 239 -21.42 -3.24 12.53
N HIS B 240 -20.70 -3.10 13.65
CA HIS B 240 -19.23 -2.98 13.59
C HIS B 240 -18.65 -4.20 12.89
N ASN B 241 -19.29 -5.36 13.04
CA ASN B 241 -18.73 -6.58 12.46
C ASN B 241 -19.14 -6.71 11.00
N ILE B 242 -20.40 -6.53 10.69
CA ILE B 242 -20.90 -6.75 9.32
C ILE B 242 -20.40 -5.74 8.31
N LEU B 243 -19.95 -4.55 8.77
CA LEU B 243 -19.45 -3.56 7.83
C LEU B 243 -18.05 -3.89 7.34
N PHE B 244 -17.58 -5.05 7.74
CA PHE B 244 -16.25 -5.54 7.25
C PHE B 244 -16.34 -6.94 6.65
N CYS B 245 -17.54 -7.36 6.24
CA CYS B 245 -17.69 -8.69 5.64
C CYS B 245 -16.82 -8.76 4.39
N GLU B 246 -16.69 -7.61 3.71
CA GLU B 246 -15.76 -7.47 2.58
C GLU B 246 -14.99 -6.19 2.98
N SER B 247 -13.83 -5.96 2.37
CA SER B 247 -13.02 -4.81 2.73
C SER B 247 -13.76 -3.49 2.74
N ASN B 248 -13.59 -2.77 3.89
CA ASN B 248 -14.16 -1.44 3.97
C ASN B 248 -13.51 -0.60 2.84
N PRO B 249 -14.24 0.27 2.19
CA PRO B 249 -15.65 0.70 2.38
C PRO B 249 -16.68 -0.06 1.53
N ILE B 250 -16.37 -1.24 1.05
CA ILE B 250 -17.36 -1.96 0.22
C ILE B 250 -18.71 -2.14 0.97
N PRO B 251 -18.74 -2.72 2.17
CA PRO B 251 -20.04 -2.88 2.83
C PRO B 251 -20.71 -1.59 3.22
N VAL B 252 -19.96 -0.64 3.80
CA VAL B 252 -20.62 0.55 4.26
C VAL B 252 -21.20 1.36 3.11
N LYS B 253 -20.61 1.32 1.93
CA LYS B 253 -21.20 2.00 0.82
C LYS B 253 -22.50 1.28 0.38
N TRP B 254 -22.54 -0.01 0.43
CA TRP B 254 -23.76 -0.72 0.10
C TRP B 254 -24.83 -0.42 1.11
N ALA B 255 -24.44 -0.34 2.37
CA ALA B 255 -25.41 -0.03 3.44
C ALA B 255 -26.03 1.30 3.17
N LEU B 256 -25.25 2.32 2.84
CA LEU B 256 -25.79 3.62 2.59
C LEU B 256 -26.70 3.63 1.38
N HIS B 257 -26.41 2.75 0.42
CA HIS B 257 -27.30 2.62 -0.74
C HIS B 257 -28.62 1.97 -0.34
N GLU B 258 -28.60 1.00 0.49
CA GLU B 258 -29.88 0.37 0.97
C GLU B 258 -30.65 1.36 1.80
N MET B 259 -29.94 2.33 2.40
CA MET B 259 -30.65 3.37 3.20
C MET B 259 -31.19 4.44 2.30
N GLY B 260 -30.91 4.39 1.01
CA GLY B 260 -31.32 5.40 0.09
C GLY B 260 -30.57 6.68 0.04
N LEU B 261 -29.33 6.69 0.62
CA LEU B 261 -28.61 7.95 0.71
C LEU B 261 -27.56 8.17 -0.37
N ILE B 262 -27.07 7.06 -0.97
CA ILE B 262 -26.11 7.24 -2.09
C ILE B 262 -26.37 6.17 -3.15
N ASP B 263 -25.80 6.40 -4.33
CA ASP B 263 -25.92 5.47 -5.44
C ASP B 263 -24.84 4.40 -5.28
N THR B 264 -24.74 3.48 -6.21
CA THR B 264 -23.87 2.34 -6.14
C THR B 264 -22.40 2.53 -6.53
N GLY B 265 -22.06 3.68 -7.01
CA GLY B 265 -20.68 3.92 -7.52
C GLY B 265 -19.60 3.59 -6.54
N ILE B 266 -18.56 2.91 -7.02
CA ILE B 266 -17.39 2.52 -6.23
C ILE B 266 -16.34 2.21 -7.27
N ARG B 267 -15.10 2.65 -7.02
CA ARG B 267 -14.07 2.51 -8.09
C ARG B 267 -13.15 1.31 -7.98
N LEU B 268 -12.92 0.68 -9.17
CA LEU B 268 -12.04 -0.45 -9.24
C LEU B 268 -10.66 0.01 -8.74
N PRO B 269 -9.96 -0.89 -8.04
CA PRO B 269 -10.24 -2.30 -7.84
C PRO B 269 -11.33 -2.68 -6.87
N LEU B 270 -11.91 -1.67 -6.18
CA LEU B 270 -13.03 -2.02 -5.28
C LEU B 270 -14.23 -2.38 -6.14
N THR B 271 -15.14 -3.15 -5.55
CA THR B 271 -16.36 -3.61 -6.25
C THR B 271 -17.59 -3.43 -5.38
N PRO B 272 -18.78 -3.35 -5.99
CA PRO B 272 -19.95 -3.29 -5.13
C PRO B 272 -20.04 -4.51 -4.28
N LEU B 273 -20.59 -4.39 -3.08
CA LEU B 273 -20.68 -5.52 -2.18
C LEU B 273 -21.25 -6.78 -2.91
N ALA B 274 -20.59 -7.89 -2.73
CA ALA B 274 -21.03 -9.09 -3.44
C ALA B 274 -22.49 -9.38 -3.13
N GLU B 275 -23.22 -9.78 -4.13
CA GLU B 275 -24.65 -10.06 -3.99
C GLU B 275 -25.05 -10.89 -2.77
N GLN B 276 -24.24 -11.88 -2.38
CA GLN B 276 -24.60 -12.77 -1.29
C GLN B 276 -24.64 -12.10 0.07
N TYR B 277 -23.93 -10.96 0.19
CA TYR B 277 -23.90 -10.25 1.47
C TYR B 277 -24.98 -9.22 1.61
N ARG B 278 -25.70 -8.90 0.54
CA ARG B 278 -26.70 -7.83 0.58
C ARG B 278 -27.91 -8.10 1.46
N GLU B 279 -28.46 -9.29 1.41
CA GLU B 279 -29.63 -9.61 2.28
C GLU B 279 -29.20 -9.64 3.73
N PRO B 280 -28.07 -10.26 4.08
CA PRO B 280 -27.57 -10.30 5.46
C PRO B 280 -27.30 -8.85 5.99
N LEU B 281 -26.78 -7.99 5.11
CA LEU B 281 -26.55 -6.60 5.52
C LEU B 281 -27.84 -5.90 5.76
N ARG B 282 -28.83 -6.11 4.87
CA ARG B 282 -30.13 -5.46 5.05
C ARG B 282 -30.75 -5.93 6.35
N ASN B 283 -30.58 -7.20 6.68
CA ASN B 283 -31.17 -7.74 7.96
C ASN B 283 -30.52 -7.06 9.14
N ALA B 284 -29.18 -6.82 9.07
CA ALA B 284 -28.46 -6.19 10.17
C ALA B 284 -28.91 -4.76 10.30
N LEU B 285 -29.14 -4.08 9.23
CA LEU B 285 -29.71 -2.68 9.22
C LEU B 285 -31.06 -2.66 9.86
N LYS B 286 -31.89 -3.65 9.49
CA LYS B 286 -33.27 -3.69 10.08
C LYS B 286 -33.22 -4.04 11.55
N ASP B 287 -32.36 -4.95 11.91
CA ASP B 287 -32.19 -5.37 13.34
C ASP B 287 -31.79 -4.15 14.20
N ALA B 288 -30.94 -3.28 13.63
CA ALA B 288 -30.45 -2.11 14.38
C ALA B 288 -31.41 -0.93 14.27
N GLY B 289 -32.49 -1.05 13.52
CA GLY B 289 -33.44 0.05 13.43
C GLY B 289 -33.10 1.15 12.44
N ILE B 290 -32.11 0.90 11.56
CA ILE B 290 -31.66 1.87 10.61
C ILE B 290 -32.56 1.97 9.41
N ILE B 291 -33.09 0.83 8.96
CA ILE B 291 -34.10 0.84 7.86
C ILE B 291 -35.23 -0.05 8.34
C1 GOL C . 10.95 -7.05 -1.30
O1 GOL C . 10.96 -6.02 -2.22
C2 GOL C . 10.14 -8.12 -2.00
O2 GOL C . 9.09 -7.38 -2.63
C3 GOL C . 11.02 -8.69 -3.08
O3 GOL C . 10.11 -9.26 -3.99
C1 GOL D . 26.42 13.33 -11.76
O1 GOL D . 26.79 13.09 -10.40
C2 GOL D . 25.61 12.09 -12.19
O2 GOL D . 26.14 10.79 -11.93
C3 GOL D . 25.02 12.34 -13.58
O3 GOL D . 23.91 11.44 -13.88
C PYR E . 10.22 -6.27 -7.64
O PYR E . 9.57 -5.76 -8.84
OXT PYR E . 11.05 -5.58 -6.84
CA PYR E . 10.41 -7.65 -7.19
CB PYR E . 11.62 -8.56 -6.61
C1 GOL F . -5.49 14.00 27.19
O1 GOL F . -5.12 12.62 27.04
C2 GOL F . -6.39 14.49 26.06
O2 GOL F . -7.71 13.98 26.32
C3 GOL F . -5.91 13.98 24.67
O3 GOL F . -4.82 14.72 24.26
C1 GOL G . -10.93 11.28 26.80
O1 GOL G . -11.45 9.96 27.00
C2 GOL G . -11.42 12.39 27.72
O2 GOL G . -10.48 13.44 27.89
C3 GOL G . -11.78 11.78 29.02
O3 GOL G . -10.61 11.08 29.27
C1 GOL H . -9.03 1.32 9.84
O1 GOL H . -9.51 2.25 10.75
C2 GOL H . -10.30 0.86 9.21
O2 GOL H . -10.85 -0.18 10.04
C3 GOL H . -9.72 0.23 7.96
O3 GOL H . -10.85 0.31 7.16
C PYR I . -10.29 5.85 7.87
O PYR I . -11.12 5.27 7.02
OXT PYR I . -9.59 7.02 7.42
CA PYR I . -10.32 5.22 9.17
CB PYR I . -11.46 4.47 10.03
C1 PEG J . -15.55 23.78 16.40
O1 PEG J . -16.52 23.45 17.43
C2 PEG J . -16.25 23.88 15.03
O2 PEG J . -15.34 23.82 13.90
C3 PEG J . -14.31 24.82 13.92
C4 PEG J . -13.32 24.57 12.79
O4 PEG J . -13.63 25.24 11.54
#